data_1RHR
#
_entry.id   1RHR
#
_cell.length_a   70.600
_cell.length_b   98.200
_cell.length_c   44.200
_cell.angle_alpha   90.00
_cell.angle_beta   90.00
_cell.angle_gamma   90.00
#
_symmetry.space_group_name_H-M   'P 21 21 2'
#
loop_
_entity.id
_entity.type
_entity.pdbx_description
1 polymer Caspase-3
2 polymer Caspase-3
3 non-polymer '(3S)-5-[(2-CHLORO-6-FLUOROBENZYL)SULFANYL]-3-{[N-({2-ETHOXY-5-[(1E)-3-METHOXY-3-OXOPROP-1-ENYL]PHENYL}ACETYL)-D-VALYL]AMINO}-4-OXOPENTANOIC ACID'
4 water water
#
loop_
_entity_poly.entity_id
_entity_poly.type
_entity_poly.pdbx_seq_one_letter_code
_entity_poly.pdbx_strand_id
1 'polypeptide(L)'
;SGISLDNSYKMDYPEMGLCIIINNKNFHKSTGMTSRSGTDVDAANLRETFRNLKYEVRNKNDLTREEIVELMRDVSKEDH
SKRSSFVCVLLSHGEEGIIFGTNGPVDLKKITNFFRGDRCRSLTGKPKLFIIQACRGTELDCGIETD
;
A
2 'polypeptide(L)'
;SGVDDDMACHKIPVEADFLYAYSTAPGYYSWRNSKDGSWFIQSLCAMLKQYADKLEFMHILTRVNRKVATEFESFSFDAT
FHAKKQIPCIVSMLTKELYFYH
;
B
#
loop_
_chem_comp.id
_chem_comp.type
_chem_comp.name
_chem_comp.formula
CNE non-polymer '(3S)-5-[(2-CHLORO-6-FLUOROBENZYL)SULFANYL]-3-{[N-({2-ETHOXY-5-[(1E)-3-METHOXY-3-OXOPROP-1-ENYL]PHENYL}ACETYL)-D-VALYL]AMINO}-4-OXOPENTANOIC ACID' 'C31 H36 Cl F N2 O8 S'
#
# COMPACT_ATOMS: atom_id res chain seq x y z
N ASP A 6 24.57 4.03 -8.76
CA ASP A 6 25.32 5.00 -7.90
C ASP A 6 24.70 4.98 -6.49
N ASN A 7 24.05 6.09 -6.11
CA ASN A 7 23.41 6.24 -4.80
C ASN A 7 21.92 6.04 -4.89
N SER A 8 21.33 6.64 -5.92
CA SER A 8 19.88 6.57 -6.17
C SER A 8 19.55 5.57 -7.26
N TYR A 9 18.44 4.85 -7.09
CA TYR A 9 17.98 3.87 -8.06
C TYR A 9 18.04 4.33 -9.51
N LYS A 10 17.88 3.36 -10.42
CA LYS A 10 17.87 3.64 -11.83
C LYS A 10 16.40 3.59 -12.25
N MET A 11 15.91 4.76 -12.67
CA MET A 11 14.53 4.89 -13.06
C MET A 11 14.38 5.36 -14.49
N ASP A 12 15.41 5.23 -15.30
CA ASP A 12 15.26 5.67 -16.70
C ASP A 12 15.12 4.55 -17.69
N TYR A 13 14.25 3.61 -17.34
CA TYR A 13 13.91 2.48 -18.20
C TYR A 13 12.70 2.98 -19.00
N PRO A 14 12.47 2.40 -20.19
CA PRO A 14 11.36 2.78 -21.06
C PRO A 14 9.96 2.79 -20.41
N GLU A 15 9.75 1.87 -19.47
CA GLU A 15 8.48 1.70 -18.79
C GLU A 15 8.64 1.86 -17.29
N MET A 16 8.13 2.95 -16.72
CA MET A 16 8.27 3.18 -15.29
C MET A 16 7.94 1.99 -14.39
N GLY A 17 6.97 1.18 -14.80
CA GLY A 17 6.64 0.03 -13.98
C GLY A 17 5.30 -0.57 -14.28
N LEU A 18 4.50 -0.76 -13.25
CA LEU A 18 3.17 -1.33 -13.37
C LEU A 18 2.56 -1.21 -11.97
N CYS A 19 1.43 -0.54 -11.84
CA CYS A 19 0.84 -0.34 -10.52
C CYS A 19 -0.51 -1.02 -10.25
N ILE A 20 -0.49 -2.32 -10.03
CA ILE A 20 -1.71 -3.04 -9.73
C ILE A 20 -2.25 -2.65 -8.35
N ILE A 21 -3.52 -2.26 -8.31
CA ILE A 21 -4.22 -1.87 -7.08
C ILE A 21 -5.29 -2.92 -6.83
N ILE A 22 -5.31 -3.51 -5.64
CA ILE A 22 -6.31 -4.51 -5.37
C ILE A 22 -7.41 -4.04 -4.43
N ASN A 23 -8.34 -3.30 -5.03
CA ASN A 23 -9.53 -2.70 -4.42
C ASN A 23 -10.54 -3.73 -3.92
N ASN A 24 -10.48 -4.07 -2.63
CA ASN A 24 -11.42 -5.03 -2.07
C ASN A 24 -12.41 -4.28 -1.17
N LYS A 25 -13.71 -4.49 -1.35
CA LYS A 25 -14.67 -3.75 -0.55
C LYS A 25 -15.82 -4.50 0.10
N ASN A 26 -16.54 -5.29 -0.69
CA ASN A 26 -17.67 -6.06 -0.20
C ASN A 26 -17.12 -7.40 0.23
N PHE A 27 -17.42 -7.83 1.45
CA PHE A 27 -16.91 -9.11 1.94
C PHE A 27 -18.00 -10.14 2.13
N HIS A 28 -17.71 -11.38 1.75
CA HIS A 28 -18.65 -12.48 1.85
C HIS A 28 -19.20 -12.55 3.27
N LYS A 29 -20.53 -12.42 3.39
CA LYS A 29 -21.20 -12.46 4.69
C LYS A 29 -20.48 -13.43 5.64
N SER A 30 -20.01 -14.54 5.09
CA SER A 30 -19.29 -15.53 5.86
C SER A 30 -18.15 -14.84 6.60
N THR A 31 -17.19 -14.30 5.84
CA THR A 31 -16.05 -13.58 6.42
C THR A 31 -16.55 -12.71 7.57
N GLY A 32 -17.74 -12.16 7.38
CA GLY A 32 -18.34 -11.34 8.40
C GLY A 32 -17.72 -9.97 8.40
N MET A 33 -16.93 -9.68 7.37
CA MET A 33 -16.28 -8.38 7.28
C MET A 33 -17.21 -7.29 6.73
N THR A 34 -17.32 -6.21 7.48
CA THR A 34 -18.18 -5.11 7.10
C THR A 34 -17.78 -4.58 5.73
N SER A 35 -18.75 -4.07 4.97
CA SER A 35 -18.48 -3.50 3.66
C SER A 35 -17.86 -2.14 3.85
N ARG A 36 -16.60 -2.02 3.43
CA ARG A 36 -15.82 -0.80 3.55
C ARG A 36 -16.30 0.33 2.65
N SER A 37 -16.88 1.37 3.24
CA SER A 37 -17.39 2.54 2.50
C SER A 37 -16.33 3.62 2.42
N GLY A 38 -15.86 3.93 1.22
CA GLY A 38 -14.82 4.92 1.07
C GLY A 38 -13.74 4.31 0.18
N THR A 39 -13.49 3.03 0.37
CA THR A 39 -12.53 2.28 -0.44
C THR A 39 -12.51 2.80 -1.88
N ASP A 40 -13.69 3.00 -2.47
CA ASP A 40 -13.80 3.47 -3.84
C ASP A 40 -13.20 4.85 -4.08
N VAL A 41 -13.50 5.79 -3.19
CA VAL A 41 -12.96 7.14 -3.33
C VAL A 41 -11.44 7.06 -3.45
N ASP A 42 -10.85 6.09 -2.75
CA ASP A 42 -9.39 5.88 -2.76
C ASP A 42 -8.89 5.38 -4.09
N ALA A 43 -9.33 4.19 -4.44
CA ALA A 43 -8.94 3.54 -5.67
C ALA A 43 -8.96 4.46 -6.89
N ALA A 44 -9.76 5.51 -6.84
CA ALA A 44 -9.84 6.46 -7.94
C ALA A 44 -8.78 7.53 -7.81
N ASN A 45 -8.68 8.09 -6.61
CA ASN A 45 -7.68 9.12 -6.33
C ASN A 45 -6.29 8.51 -6.50
N LEU A 46 -6.23 7.19 -6.38
CA LEU A 46 -5.00 6.41 -6.52
C LEU A 46 -4.68 6.15 -7.99
N ARG A 47 -5.59 5.47 -8.68
CA ARG A 47 -5.42 5.17 -10.10
C ARG A 47 -5.00 6.41 -10.87
N GLU A 48 -5.53 7.55 -10.46
CA GLU A 48 -5.25 8.83 -11.10
C GLU A 48 -3.86 9.31 -10.73
N THR A 49 -3.43 8.98 -9.51
CA THR A 49 -2.11 9.37 -9.02
C THR A 49 -0.97 8.67 -9.77
N PHE A 50 -0.94 7.34 -9.73
CA PHE A 50 0.10 6.61 -10.43
C PHE A 50 -0.01 6.71 -11.94
N ARG A 51 -1.12 7.24 -12.42
CA ARG A 51 -1.29 7.39 -13.86
C ARG A 51 -0.40 8.55 -14.28
N ASN A 52 -0.30 9.54 -13.40
CA ASN A 52 0.51 10.73 -13.66
C ASN A 52 2.01 10.51 -13.46
N LEU A 53 2.38 9.42 -12.81
CA LEU A 53 3.79 9.13 -12.60
C LEU A 53 4.33 8.16 -13.62
N LYS A 54 3.42 7.64 -14.46
CA LYS A 54 3.68 6.70 -15.56
C LYS A 54 3.64 5.20 -15.27
N TYR A 55 2.62 4.73 -14.55
CA TYR A 55 2.54 3.30 -14.28
C TYR A 55 1.41 2.64 -15.04
N GLU A 56 1.57 1.35 -15.27
CA GLU A 56 0.54 0.57 -15.97
C GLU A 56 -0.35 0.10 -14.83
N VAL A 57 -1.35 0.92 -14.49
CA VAL A 57 -2.26 0.59 -13.40
C VAL A 57 -3.44 -0.27 -13.83
N ARG A 58 -3.54 -1.46 -13.23
CA ARG A 58 -4.62 -2.40 -13.49
C ARG A 58 -5.39 -2.63 -12.21
N ASN A 59 -6.63 -2.13 -12.14
CA ASN A 59 -7.44 -2.27 -10.94
C ASN A 59 -8.35 -3.47 -10.93
N LYS A 60 -8.23 -4.28 -9.88
CA LYS A 60 -9.04 -5.47 -9.70
C LYS A 60 -9.89 -5.25 -8.47
N ASN A 61 -11.17 -5.62 -8.51
CA ASN A 61 -12.05 -5.40 -7.35
C ASN A 61 -12.57 -6.67 -6.65
N ASP A 62 -12.76 -6.54 -5.35
CA ASP A 62 -13.27 -7.61 -4.49
C ASP A 62 -12.77 -9.00 -4.85
N LEU A 63 -11.48 -9.28 -4.69
CA LEU A 63 -10.97 -10.60 -5.03
C LEU A 63 -10.78 -11.51 -3.81
N THR A 64 -11.39 -12.68 -3.85
CA THR A 64 -11.26 -13.64 -2.76
C THR A 64 -9.78 -13.92 -2.47
N ARG A 65 -9.48 -14.65 -1.40
CA ARG A 65 -8.09 -14.95 -1.08
C ARG A 65 -7.48 -15.76 -2.23
N GLU A 66 -8.08 -16.90 -2.57
CA GLU A 66 -7.56 -17.69 -3.71
C GLU A 66 -7.98 -16.83 -4.91
N GLU A 67 -7.14 -15.88 -5.31
CA GLU A 67 -7.48 -14.99 -6.43
C GLU A 67 -6.47 -13.86 -6.47
N ILE A 68 -6.09 -13.42 -5.27
CA ILE A 68 -5.10 -12.38 -5.11
C ILE A 68 -3.76 -13.10 -5.25
N VAL A 69 -3.71 -14.32 -4.70
CA VAL A 69 -2.52 -15.14 -4.73
C VAL A 69 -2.16 -15.53 -6.15
N GLU A 70 -3.18 -15.85 -6.95
CA GLU A 70 -2.93 -16.24 -8.34
C GLU A 70 -2.47 -15.05 -9.13
N LEU A 71 -3.27 -13.99 -9.14
CA LEU A 71 -2.92 -12.79 -9.85
C LEU A 71 -1.45 -12.52 -9.62
N MET A 72 -1.05 -12.66 -8.36
CA MET A 72 0.32 -12.45 -7.96
C MET A 72 1.31 -13.36 -8.69
N ARG A 73 1.04 -14.66 -8.79
CA ARG A 73 1.97 -15.51 -9.50
C ARG A 73 1.83 -15.14 -10.97
N ASP A 74 0.68 -14.63 -11.34
CA ASP A 74 0.46 -14.20 -12.71
C ASP A 74 1.33 -12.96 -12.90
N VAL A 75 1.45 -12.14 -11.87
CA VAL A 75 2.25 -10.93 -11.97
C VAL A 75 3.75 -11.10 -11.77
N SER A 76 4.16 -12.08 -10.97
CA SER A 76 5.58 -12.30 -10.75
C SER A 76 6.18 -12.85 -12.03
N LYS A 77 5.48 -13.83 -12.60
CA LYS A 77 5.90 -14.45 -13.85
C LYS A 77 5.44 -13.48 -14.90
N GLU A 78 6.39 -12.72 -15.43
CA GLU A 78 6.10 -11.72 -16.44
C GLU A 78 7.37 -10.93 -16.69
N ASP A 79 7.66 -10.62 -17.95
CA ASP A 79 8.87 -9.89 -18.24
C ASP A 79 8.78 -8.43 -17.81
N HIS A 80 9.34 -8.15 -16.64
CA HIS A 80 9.36 -6.81 -16.09
C HIS A 80 10.70 -6.25 -16.51
N SER A 81 11.36 -6.98 -17.40
CA SER A 81 12.66 -6.59 -17.93
C SER A 81 12.80 -5.11 -18.20
N LYS A 82 12.01 -4.60 -19.13
CA LYS A 82 12.07 -3.20 -19.51
C LYS A 82 11.35 -2.29 -18.54
N ARG A 83 10.84 -2.86 -17.45
CA ARG A 83 10.12 -2.11 -16.41
C ARG A 83 11.11 -1.59 -15.35
N SER A 84 10.91 -0.36 -14.90
CA SER A 84 11.82 0.24 -13.95
C SER A 84 11.58 -0.14 -12.48
N SER A 85 10.33 -0.39 -12.12
CA SER A 85 9.99 -0.74 -10.73
C SER A 85 8.67 -1.51 -10.56
N PHE A 86 8.11 -1.46 -9.36
CA PHE A 86 6.86 -2.16 -9.07
C PHE A 86 6.05 -1.55 -7.93
N VAL A 87 4.72 -1.58 -8.05
CA VAL A 87 3.87 -1.03 -7.01
C VAL A 87 2.58 -1.83 -6.86
N CYS A 88 2.35 -2.31 -5.65
CA CYS A 88 1.16 -3.08 -5.36
C CYS A 88 0.43 -2.37 -4.22
N VAL A 89 -0.75 -1.85 -4.52
CA VAL A 89 -1.56 -1.14 -3.55
C VAL A 89 -2.70 -2.08 -3.17
N LEU A 90 -2.79 -2.43 -1.90
CA LEU A 90 -3.85 -3.31 -1.43
C LEU A 90 -4.73 -2.58 -0.45
N LEU A 91 -6.02 -2.52 -0.74
CA LEU A 91 -6.96 -1.86 0.15
C LEU A 91 -8.03 -2.90 0.54
N SER A 92 -8.08 -3.23 1.82
CA SER A 92 -9.03 -4.22 2.32
C SER A 92 -9.01 -4.23 3.84
N HIS A 93 -9.65 -5.25 4.42
CA HIS A 93 -9.67 -5.39 5.86
C HIS A 93 -8.37 -6.11 6.20
N GLY A 94 -8.14 -6.43 7.46
CA GLY A 94 -6.91 -7.12 7.79
C GLY A 94 -6.61 -7.27 9.27
N GLU A 95 -5.59 -8.07 9.55
CA GLU A 95 -5.15 -8.29 10.90
C GLU A 95 -3.68 -8.01 10.78
N GLU A 96 -2.87 -8.52 11.71
CA GLU A 96 -1.43 -8.30 11.64
C GLU A 96 -0.75 -9.40 10.81
N GLY A 97 -0.22 -8.99 9.65
CA GLY A 97 0.45 -9.95 8.80
C GLY A 97 -0.53 -10.58 7.86
N ILE A 98 -1.81 -10.46 8.19
CA ILE A 98 -2.87 -11.01 7.35
C ILE A 98 -3.67 -9.91 6.64
N ILE A 99 -4.06 -10.18 5.39
CA ILE A 99 -4.88 -9.26 4.59
C ILE A 99 -6.13 -10.07 4.33
N PHE A 100 -7.19 -9.41 3.88
CA PHE A 100 -8.43 -10.12 3.62
C PHE A 100 -8.91 -10.27 2.21
N GLY A 101 -9.47 -11.46 1.96
CA GLY A 101 -10.03 -11.74 0.67
C GLY A 101 -11.51 -11.46 0.86
N THR A 102 -12.25 -11.48 -0.24
CA THR A 102 -13.68 -11.25 -0.17
C THR A 102 -14.35 -12.59 0.05
N ASN A 103 -13.66 -13.44 0.80
CA ASN A 103 -14.16 -14.78 1.10
C ASN A 103 -13.42 -15.33 2.32
N GLY A 104 -12.13 -14.99 2.43
CA GLY A 104 -11.34 -15.48 3.56
C GLY A 104 -9.97 -14.81 3.71
N PRO A 105 -9.49 -14.62 4.95
CA PRO A 105 -8.20 -14.00 5.30
C PRO A 105 -7.02 -14.71 4.67
N VAL A 106 -6.02 -13.94 4.21
CA VAL A 106 -4.88 -14.55 3.56
C VAL A 106 -3.51 -13.98 3.93
N ASP A 107 -2.61 -14.90 4.26
CA ASP A 107 -1.23 -14.64 4.67
C ASP A 107 -0.45 -13.75 3.71
N LEU A 108 0.05 -12.64 4.24
CA LEU A 108 0.79 -11.68 3.44
C LEU A 108 2.09 -12.23 2.84
N LYS A 109 2.80 -13.04 3.61
CA LYS A 109 4.08 -13.61 3.21
C LYS A 109 4.07 -14.22 1.82
N LYS A 110 3.13 -15.15 1.60
CA LYS A 110 3.01 -15.85 0.32
C LYS A 110 2.80 -14.91 -0.86
N ILE A 111 2.11 -13.80 -0.62
CA ILE A 111 1.86 -12.79 -1.65
C ILE A 111 3.19 -12.18 -2.14
N THR A 112 3.79 -11.36 -1.30
CA THR A 112 5.03 -10.70 -1.59
C THR A 112 6.17 -11.60 -2.05
N ASN A 113 6.10 -12.88 -1.71
CA ASN A 113 7.19 -13.81 -2.04
C ASN A 113 7.59 -14.04 -3.49
N PHE A 114 6.64 -14.07 -4.40
CA PHE A 114 6.97 -14.29 -5.81
C PHE A 114 7.99 -13.27 -6.31
N PHE A 115 7.83 -12.02 -5.89
CA PHE A 115 8.70 -10.91 -6.31
C PHE A 115 10.02 -10.85 -5.56
N ARG A 116 10.36 -11.93 -4.86
CA ARG A 116 11.59 -11.99 -4.08
C ARG A 116 12.75 -12.10 -5.05
N GLY A 117 13.87 -11.48 -4.70
CA GLY A 117 15.04 -11.49 -5.57
C GLY A 117 15.31 -12.74 -6.38
N ASP A 118 15.16 -13.91 -5.78
CA ASP A 118 15.44 -15.15 -6.48
C ASP A 118 14.20 -15.85 -7.04
N ARG A 119 13.08 -15.16 -7.05
CA ARG A 119 11.88 -15.76 -7.57
C ARG A 119 11.40 -14.89 -8.73
N CYS A 120 11.47 -13.57 -8.55
CA CYS A 120 11.11 -12.62 -9.60
C CYS A 120 12.41 -11.96 -10.00
N ARG A 121 13.12 -12.58 -10.93
CA ARG A 121 14.41 -12.10 -11.37
C ARG A 121 14.52 -10.86 -12.26
N SER A 122 13.47 -10.49 -12.98
CA SER A 122 13.56 -9.31 -13.84
C SER A 122 13.38 -8.07 -12.97
N LEU A 123 12.66 -8.24 -11.87
CA LEU A 123 12.44 -7.15 -10.93
C LEU A 123 13.64 -7.06 -10.02
N THR A 124 14.50 -8.09 -10.03
CA THR A 124 15.69 -8.10 -9.18
C THR A 124 16.51 -6.82 -9.27
N GLY A 125 16.81 -6.23 -8.12
CA GLY A 125 17.57 -5.00 -8.11
C GLY A 125 16.70 -3.77 -8.21
N LYS A 126 15.45 -3.99 -8.62
CA LYS A 126 14.48 -2.91 -8.74
C LYS A 126 13.65 -2.90 -7.46
N PRO A 127 13.14 -1.72 -7.07
CA PRO A 127 12.34 -1.55 -5.86
C PRO A 127 10.91 -2.08 -5.91
N LYS A 128 10.61 -3.04 -5.05
CA LYS A 128 9.27 -3.60 -4.95
C LYS A 128 8.55 -2.76 -3.90
N LEU A 129 7.76 -1.77 -4.34
CA LEU A 129 7.05 -0.86 -3.42
C LEU A 129 5.64 -1.28 -3.05
N PHE A 130 5.48 -1.94 -1.91
CA PHE A 130 4.16 -2.39 -1.46
C PHE A 130 3.41 -1.43 -0.53
N ILE A 131 2.23 -0.99 -0.93
CA ILE A 131 1.44 -0.09 -0.10
C ILE A 131 0.25 -0.86 0.44
N ILE A 132 0.21 -1.07 1.75
CA ILE A 132 -0.90 -1.79 2.37
C ILE A 132 -1.79 -0.83 3.13
N GLN A 133 -3.09 -0.92 2.88
CA GLN A 133 -4.07 -0.08 3.56
C GLN A 133 -4.99 -0.98 4.37
N ALA A 134 -4.66 -1.18 5.64
CA ALA A 134 -5.45 -2.05 6.51
C ALA A 134 -5.09 -2.15 8.01
N CYS A 135 -5.99 -2.86 8.66
CA CYS A 135 -6.12 -3.19 10.09
C CYS A 135 -5.06 -4.19 10.58
N ARG A 136 -4.04 -3.65 11.25
CA ARG A 136 -2.94 -4.44 11.80
C ARG A 136 -3.30 -4.92 13.20
N GLY A 137 -4.60 -4.90 13.51
CA GLY A 137 -5.07 -5.32 14.81
C GLY A 137 -6.27 -4.51 15.26
N THR A 138 -6.46 -4.43 16.58
CA THR A 138 -7.58 -3.70 17.17
C THR A 138 -7.18 -2.73 18.32
N GLU A 139 -6.14 -1.93 18.09
CA GLU A 139 -5.67 -0.96 19.08
C GLU A 139 -5.97 0.46 18.66
N LEU A 140 -6.28 1.33 19.63
CA LEU A 140 -6.60 2.74 19.34
C LEU A 140 -5.56 3.69 19.91
N ASP A 141 -5.36 4.80 19.22
CA ASP A 141 -4.38 5.78 19.66
C ASP A 141 -5.16 6.94 20.30
N CYS A 142 -5.14 6.99 21.62
CA CYS A 142 -5.88 8.04 22.30
C CYS A 142 -5.23 9.42 22.17
N GLY A 143 -3.96 9.45 21.77
CA GLY A 143 -3.25 10.70 21.56
C GLY A 143 -2.98 11.59 22.76
N ILE A 144 -1.72 11.98 22.90
CA ILE A 144 -1.23 12.84 23.99
C ILE A 144 -0.99 14.25 23.42
N GLU A 145 -0.83 15.24 24.31
CA GLU A 145 -0.57 16.64 23.93
C GLU A 145 -1.81 17.54 23.86
N LYS B 11 25.72 -10.41 -6.55
CA LYS B 11 24.96 -11.24 -5.55
C LYS B 11 24.42 -10.44 -4.36
N ILE B 12 23.09 -10.40 -4.22
CA ILE B 12 22.44 -9.66 -3.15
C ILE B 12 21.46 -10.47 -2.31
N PRO B 13 20.96 -9.85 -1.22
CA PRO B 13 20.00 -10.49 -0.32
C PRO B 13 18.63 -10.47 -1.00
N VAL B 14 18.02 -11.64 -1.15
CA VAL B 14 16.73 -11.74 -1.80
C VAL B 14 15.69 -10.80 -1.22
N GLU B 15 15.48 -10.87 0.10
CA GLU B 15 14.51 -10.04 0.82
C GLU B 15 14.84 -8.54 0.77
N ALA B 16 15.70 -8.15 -0.15
CA ALA B 16 16.09 -6.75 -0.22
C ALA B 16 15.33 -5.97 -1.28
N ASP B 17 15.48 -4.66 -1.20
CA ASP B 17 14.88 -3.72 -2.10
C ASP B 17 13.39 -3.60 -1.89
N PHE B 18 12.86 -4.42 -0.99
CA PHE B 18 11.44 -4.38 -0.67
C PHE B 18 11.13 -3.20 0.25
N LEU B 19 10.06 -2.47 -0.07
CA LEU B 19 9.60 -1.31 0.71
C LEU B 19 8.10 -1.44 1.02
N TYR B 20 7.75 -1.47 2.31
CA TYR B 20 6.35 -1.62 2.66
C TYR B 20 5.85 -0.42 3.44
N ALA B 21 4.81 0.23 2.95
CA ALA B 21 4.24 1.39 3.63
C ALA B 21 2.88 1.03 4.26
N TYR B 22 2.90 0.63 5.52
CA TYR B 22 1.67 0.25 6.20
C TYR B 22 0.87 1.46 6.61
N SER B 23 -0.45 1.32 6.53
CA SER B 23 -1.41 2.38 6.85
C SER B 23 -1.53 2.77 8.31
N THR B 24 -0.79 2.10 9.17
CA THR B 24 -0.87 2.40 10.57
C THR B 24 0.33 1.75 11.25
N ALA B 25 0.33 1.78 12.58
CA ALA B 25 1.40 1.17 13.33
C ALA B 25 0.96 -0.27 13.58
N PRO B 26 1.93 -1.19 13.67
CA PRO B 26 1.59 -2.60 13.90
C PRO B 26 0.65 -2.77 15.08
N GLY B 27 -0.21 -3.78 15.02
CA GLY B 27 -1.14 -4.02 16.11
C GLY B 27 -2.34 -3.10 16.20
N TYR B 28 -2.29 -2.00 15.47
CA TYR B 28 -3.37 -1.03 15.50
C TYR B 28 -4.35 -1.08 14.33
N TYR B 29 -5.42 -0.32 14.49
CA TYR B 29 -6.47 -0.18 13.51
C TYR B 29 -6.03 0.88 12.51
N SER B 30 -6.68 0.87 11.36
CA SER B 30 -6.45 1.85 10.31
C SER B 30 -7.77 2.57 10.09
N TRP B 31 -7.71 3.89 9.95
CA TRP B 31 -8.94 4.66 9.78
C TRP B 31 -9.42 4.93 8.36
N ARG B 32 -10.69 5.31 8.26
CA ARG B 32 -11.29 5.55 6.97
C ARG B 32 -12.45 6.52 7.04
N ASN B 33 -12.53 7.42 6.07
CA ASN B 33 -13.62 8.37 5.99
C ASN B 33 -14.60 7.80 4.97
N SER B 34 -15.89 8.02 5.20
CA SER B 34 -16.87 7.49 4.28
C SER B 34 -17.08 8.39 3.09
N LYS B 35 -16.55 9.62 3.15
CA LYS B 35 -16.73 10.57 2.07
C LYS B 35 -15.45 10.94 1.31
N ASP B 36 -14.31 10.73 1.95
CA ASP B 36 -13.01 11.02 1.33
C ASP B 36 -12.23 9.74 1.20
N GLY B 37 -12.56 8.82 2.12
CA GLY B 37 -11.90 7.53 2.17
C GLY B 37 -10.79 7.54 3.21
N SER B 38 -9.87 6.59 3.08
CA SER B 38 -8.72 6.46 3.98
C SER B 38 -8.04 7.80 4.28
N TRP B 39 -7.44 7.88 5.47
CA TRP B 39 -6.71 9.06 5.89
C TRP B 39 -5.37 8.90 5.20
N PHE B 40 -4.81 7.70 5.38
CA PHE B 40 -3.52 7.30 4.85
C PHE B 40 -3.37 7.39 3.35
N ILE B 41 -4.42 7.02 2.63
CA ILE B 41 -4.38 7.05 1.17
C ILE B 41 -4.58 8.46 0.57
N GLN B 42 -5.48 9.23 1.16
CA GLN B 42 -5.73 10.55 0.63
C GLN B 42 -4.54 11.44 0.91
N SER B 43 -4.05 11.39 2.15
CA SER B 43 -2.91 12.19 2.55
C SER B 43 -1.58 11.76 1.91
N LEU B 44 -1.58 10.60 1.26
CA LEU B 44 -0.40 10.09 0.58
C LEU B 44 -0.39 10.64 -0.84
N CYS B 45 -1.41 10.30 -1.63
CA CYS B 45 -1.52 10.78 -3.01
C CYS B 45 -1.29 12.30 -3.08
N ALA B 46 -1.84 13.02 -2.10
CA ALA B 46 -1.75 14.48 -2.01
C ALA B 46 -0.34 15.00 -1.89
N MET B 47 0.56 14.16 -1.37
CA MET B 47 1.96 14.53 -1.18
C MET B 47 2.73 14.25 -2.45
N LEU B 48 2.38 13.15 -3.10
CA LEU B 48 3.01 12.78 -4.34
C LEU B 48 2.42 13.72 -5.38
N LYS B 49 1.47 14.52 -4.92
CA LYS B 49 0.82 15.49 -5.79
C LYS B 49 1.74 16.70 -5.87
N GLN B 50 2.39 16.99 -4.75
CA GLN B 50 3.28 18.13 -4.62
C GLN B 50 4.76 17.81 -4.75
N TYR B 51 5.21 16.79 -4.02
CA TYR B 51 6.63 16.43 -4.03
C TYR B 51 7.02 15.18 -4.81
N ALA B 52 6.33 14.86 -5.89
CA ALA B 52 6.67 13.65 -6.65
C ALA B 52 7.93 13.85 -7.42
N ASP B 53 8.37 15.10 -7.52
CA ASP B 53 9.58 15.44 -8.25
C ASP B 53 10.46 16.43 -7.48
N LYS B 54 10.09 16.70 -6.23
CA LYS B 54 10.84 17.64 -5.41
C LYS B 54 11.68 16.89 -4.39
N LEU B 55 11.07 15.86 -3.77
CA LEU B 55 11.72 15.06 -2.73
C LEU B 55 12.14 13.67 -3.17
N GLU B 56 12.62 12.87 -2.22
CA GLU B 56 13.07 11.52 -2.52
C GLU B 56 11.87 10.57 -2.54
N PHE B 57 11.47 10.08 -1.36
CA PHE B 57 10.32 9.19 -1.22
C PHE B 57 10.11 8.90 0.24
N MET B 58 11.20 8.65 0.96
CA MET B 58 11.13 8.42 2.40
C MET B 58 10.77 9.78 2.93
N HIS B 59 11.37 10.79 2.31
CA HIS B 59 11.11 12.17 2.67
C HIS B 59 9.65 12.53 2.42
N ILE B 60 9.05 11.92 1.40
CA ILE B 60 7.64 12.16 1.13
C ILE B 60 6.90 11.40 2.19
N LEU B 61 7.07 10.09 2.18
CA LEU B 61 6.45 9.18 3.14
C LEU B 61 6.54 9.66 4.58
N THR B 62 7.47 10.55 4.90
CA THR B 62 7.57 11.05 6.25
C THR B 62 6.62 12.22 6.49
N ARG B 63 6.48 13.10 5.49
CA ARG B 63 5.59 14.25 5.60
C ARG B 63 4.18 13.70 5.58
N VAL B 64 4.02 12.53 4.97
CA VAL B 64 2.74 11.84 4.89
C VAL B 64 2.40 11.36 6.29
N ASN B 65 3.45 10.97 7.03
CA ASN B 65 3.38 10.48 8.41
C ASN B 65 2.89 11.59 9.32
N ARG B 66 3.37 12.80 9.08
CA ARG B 66 2.97 13.95 9.87
C ARG B 66 1.55 14.37 9.49
N LYS B 67 1.30 14.59 8.21
CA LYS B 67 -0.02 14.98 7.75
C LYS B 67 -1.11 13.99 8.14
N VAL B 68 -0.74 12.87 8.77
CA VAL B 68 -1.74 11.89 9.19
C VAL B 68 -1.71 11.75 10.70
N ALA B 69 -0.57 12.08 11.29
CA ALA B 69 -0.42 12.02 12.73
C ALA B 69 -0.83 13.36 13.31
N THR B 70 -0.68 14.41 12.51
CA THR B 70 -1.03 15.76 12.95
C THR B 70 -2.46 16.21 12.64
N GLU B 71 -2.85 16.21 11.37
CA GLU B 71 -4.18 16.68 11.03
C GLU B 71 -5.31 15.69 10.77
N PHE B 72 -5.39 14.64 11.57
CA PHE B 72 -6.48 13.68 11.42
C PHE B 72 -6.87 13.12 12.79
N GLU B 73 -8.15 13.31 13.15
CA GLU B 73 -8.64 12.85 14.44
C GLU B 73 -10.07 12.36 14.34
N SER B 74 -10.25 11.10 14.68
CA SER B 74 -11.54 10.45 14.62
C SER B 74 -12.64 11.18 15.37
N PHE B 75 -13.86 11.00 14.87
CA PHE B 75 -15.07 11.56 15.45
C PHE B 75 -16.10 10.45 15.39
N SER B 76 -16.84 10.22 16.48
CA SER B 76 -17.85 9.18 16.48
C SER B 76 -18.75 9.25 17.71
N PHE B 77 -19.97 8.75 17.57
CA PHE B 77 -20.94 8.77 18.66
C PHE B 77 -20.67 7.63 19.61
N ASP B 78 -19.67 6.83 19.26
CA ASP B 78 -19.28 5.71 20.08
C ASP B 78 -18.25 6.20 21.08
N ALA B 79 -18.26 5.59 22.26
CA ALA B 79 -17.32 5.95 23.30
C ALA B 79 -15.95 5.48 22.87
N THR B 80 -15.90 4.23 22.43
CA THR B 80 -14.68 3.58 22.00
C THR B 80 -14.11 4.02 20.64
N PHE B 81 -14.98 4.15 19.66
CA PHE B 81 -14.53 4.52 18.33
C PHE B 81 -14.49 6.03 18.09
N HIS B 82 -14.29 6.79 19.14
CA HIS B 82 -14.23 8.24 18.99
C HIS B 82 -12.97 8.87 19.58
N ALA B 83 -12.44 9.88 18.88
CA ALA B 83 -11.25 10.62 19.32
C ALA B 83 -9.97 9.82 19.18
N LYS B 84 -9.94 8.92 18.20
CA LYS B 84 -8.77 8.11 18.01
C LYS B 84 -7.84 8.59 16.92
N LYS B 85 -6.55 8.44 17.17
CA LYS B 85 -5.51 8.84 16.24
C LYS B 85 -4.97 7.65 15.44
N GLN B 86 -4.07 7.95 14.51
CA GLN B 86 -3.40 6.96 13.66
C GLN B 86 -2.00 7.45 13.30
N ILE B 87 -1.07 6.52 13.16
CA ILE B 87 0.30 6.81 12.81
C ILE B 87 0.80 5.71 11.87
N PRO B 88 1.16 6.07 10.63
CA PRO B 88 1.66 5.14 9.61
C PRO B 88 2.97 4.40 9.98
N CYS B 89 3.34 3.44 9.16
CA CYS B 89 4.54 2.65 9.40
C CYS B 89 5.34 2.46 8.11
N ILE B 90 6.53 3.08 8.05
CA ILE B 90 7.39 3.01 6.88
C ILE B 90 8.55 1.98 6.99
N VAL B 91 8.34 0.74 6.58
CA VAL B 91 9.43 -0.26 6.63
C VAL B 91 10.21 -0.20 5.33
N SER B 92 11.55 -0.16 5.40
CA SER B 92 12.36 -0.07 4.19
C SER B 92 13.63 -0.89 4.16
N MET B 93 13.79 -1.62 3.06
CA MET B 93 14.92 -2.48 2.82
C MET B 93 15.70 -1.91 1.64
N LEU B 94 15.07 -0.97 0.96
CA LEU B 94 15.70 -0.34 -0.20
C LEU B 94 17.16 -0.16 0.14
N THR B 95 18.01 -0.32 -0.87
CA THR B 95 19.45 -0.19 -0.73
C THR B 95 19.91 1.03 -1.53
N LYS B 96 18.99 1.92 -1.84
CA LYS B 96 19.32 3.12 -2.60
C LYS B 96 18.20 4.12 -2.42
N GLU B 97 18.33 5.26 -3.06
CA GLU B 97 17.30 6.29 -2.99
C GLU B 97 16.34 6.13 -4.14
N LEU B 98 15.20 6.82 -4.06
CA LEU B 98 14.22 6.75 -5.12
C LEU B 98 13.76 8.18 -5.50
N TYR B 99 13.70 8.45 -6.79
CA TYR B 99 13.28 9.77 -7.27
C TYR B 99 12.50 9.65 -8.60
N PHE B 100 11.18 9.42 -8.51
CA PHE B 100 10.32 9.26 -9.68
C PHE B 100 10.45 10.25 -10.82
N TYR B 101 11.56 10.23 -11.56
CA TYR B 101 11.70 11.15 -12.68
C TYR B 101 13.15 11.26 -13.16
C24 CNE C . -15.94 5.65 13.48
C25 CNE C . -15.85 4.58 12.53
C20 CNE C . -15.25 4.82 11.25
C21 CNE C . -14.77 6.15 10.96
C22 CNE C . -14.86 7.20 11.91
C23 CNE C . -15.46 6.95 13.17
C26 CNE C . -14.38 8.57 11.62
C27 CNE C . -13.22 8.85 10.97
C28 CNE C . -12.79 10.26 10.72
O7 CNE C . -13.57 11.28 11.13
O6 CNE C . -11.77 10.43 10.15
C29 CNE C . -13.16 12.63 10.89
O8 CNE C . -16.37 3.35 12.98
C30 CNE C . -15.61 2.50 13.81
C31 CNE C . -16.44 1.24 14.10
C19 CNE C . -15.16 3.68 10.25
C18 CNE C . -13.72 3.09 10.21
N2 CNE C . -13.53 2.03 11.09
O5 CNE C . -12.87 3.53 9.44
C14 CNE C . -12.23 1.32 11.19
C13 CNE C . -12.16 0.41 9.99
C15 CNE C . -12.14 0.48 12.50
C17 CNE C . -13.22 -0.60 12.63
C16 CNE C . -12.16 1.40 13.72
O4 CNE C . -13.07 0.34 9.18
N1 CNE C . -11.02 -0.29 9.91
C10 CNE C . -10.83 -1.20 8.80
C9 CNE C . -10.20 -2.57 9.22
C11 CNE C . -9.96 -0.42 7.75
C12 CNE C . -10.44 -0.52 6.31
O2 CNE C . -9.86 0.12 5.45
O3 CNE C . -11.36 -1.19 6.03
C8 CNE C . -11.02 -3.32 10.30
O1 CNE C . -10.17 -3.36 8.06
S1 CNE C . -10.30 -4.92 10.69
C7 CNE C . -11.39 -5.63 11.93
C6 CNE C . -10.93 -7.04 12.29
C5 CNE C . -11.88 -8.11 12.30
C4 CNE C . -11.52 -9.44 12.61
C3 CNE C . -10.17 -9.75 12.95
C2 CNE C . -9.21 -8.73 12.96
C1 CNE C . -9.56 -7.39 12.65
F1 CNE C . -13.16 -7.90 11.99
CL1 CNE C . -8.25 -6.22 12.71
#